data_2D8A
#
_entry.id   2D8A
#
_cell.length_a   85.084
_cell.length_b   89.436
_cell.length_c   122.413
_cell.angle_alpha   90.00
_cell.angle_beta   90.00
_cell.angle_gamma   90.00
#
_symmetry.space_group_name_H-M   'I 2 2 2'
#
loop_
_entity.id
_entity.type
_entity.pdbx_description
1 polymer 'Probable L-threonine 3-dehydrogenase'
2 non-polymer 'ZINC ION'
3 non-polymer NICOTINAMIDE-ADENINE-DINUCLEOTIDE
4 water water
#
_entity_poly.entity_id   1
_entity_poly.type   'polypeptide(L)'
_entity_poly.pdbx_seq_one_letter_code
;(MSE)SEK(MSE)VAI(MSE)KTKPGYGAELVEVDVPKPGPGEVLIKVLATSICGTDLHIYEWNEWAQSRIKPPQI
(MSE)GHEVAGEVVEIGPGVEGIEVGDYVSVETHIVCGKCYACRRGQYHVCQNTKIFGVDTDGVFAEYAVVPAQNIWKNP
KSIPPEYATLQEPLGNAVDTVLAGPISGKSVLITGAGPLGLLGIAVAKASGAYPVIVSEPSDFRRELAKKVGADYVINPF
EEDVVKEV(MSE)DITDGNGVDVFLEFSGAPKALEQGLQAVTPAGRVSLLGLYPGKVTIDFNNLIIFKALTIYGITGRHL
WETWYTVSRLLQSGKLNLDPIITHKYKGFDKYEEAFEL(MSE)RAGKTGKVVF(MSE)LK
;
_entity_poly.pdbx_strand_id   A
#
loop_
_chem_comp.id
_chem_comp.type
_chem_comp.name
_chem_comp.formula
NAD non-polymer NICOTINAMIDE-ADENINE-DINUCLEOTIDE 'C21 H27 N7 O14 P2'
ZN non-polymer 'ZINC ION' 'Zn 2'
#
# COMPACT_ATOMS: atom_id res chain seq x y z
N GLU A 3 -11.09 -20.21 -24.63
CA GLU A 3 -11.58 -19.83 -23.27
C GLU A 3 -11.43 -18.32 -23.08
N LYS A 4 -12.52 -17.68 -22.71
CA LYS A 4 -12.52 -16.23 -22.49
C LYS A 4 -12.62 -15.89 -21.01
N MSE A 5 -12.29 -14.64 -20.68
CA MSE A 5 -12.34 -14.20 -19.29
C MSE A 5 -12.69 -12.71 -19.24
O MSE A 5 -12.44 -11.98 -20.18
CB MSE A 5 -10.99 -14.42 -18.60
CG MSE A 5 -9.85 -13.60 -19.19
SE MSE A 5 -8.23 -13.64 -18.10
CE MSE A 5 -7.38 -12.04 -18.80
N VAL A 6 -13.28 -12.30 -18.12
CA VAL A 6 -13.64 -10.91 -17.92
C VAL A 6 -12.42 -10.15 -17.39
N ALA A 7 -12.26 -8.90 -17.81
CA ALA A 7 -11.15 -8.08 -17.35
C ALA A 7 -11.47 -6.60 -17.36
N ILE A 8 -10.90 -5.87 -16.41
CA ILE A 8 -11.08 -4.42 -16.34
C ILE A 8 -9.88 -3.91 -17.12
N MSE A 9 -10.11 -3.30 -18.27
CA MSE A 9 -8.99 -2.84 -19.07
C MSE A 9 -8.99 -1.40 -19.54
O MSE A 9 -10.03 -0.82 -19.84
CB MSE A 9 -8.86 -3.75 -20.29
CG MSE A 9 -7.52 -3.70 -20.95
SE MSE A 9 -7.43 -4.93 -22.40
CE MSE A 9 -8.08 -6.51 -21.51
N LYS A 10 -7.79 -0.83 -19.61
CA LYS A 10 -7.60 0.53 -20.09
C LYS A 10 -7.47 0.34 -21.59
N THR A 11 -8.59 0.45 -22.30
CA THR A 11 -8.64 0.26 -23.74
C THR A 11 -7.90 1.32 -24.56
N LYS A 12 -8.01 2.57 -24.13
CA LYS A 12 -7.37 3.66 -24.86
C LYS A 12 -7.14 4.85 -23.94
N PRO A 13 -6.38 5.86 -24.41
CA PRO A 13 -6.10 7.05 -23.61
C PRO A 13 -7.40 7.78 -23.28
N GLY A 14 -7.50 8.28 -22.06
CA GLY A 14 -8.69 8.99 -21.64
C GLY A 14 -9.14 8.57 -20.26
N TYR A 15 -10.29 9.08 -19.82
CA TYR A 15 -10.82 8.76 -18.51
C TYR A 15 -11.51 7.40 -18.47
N GLY A 16 -11.62 6.83 -17.27
CA GLY A 16 -12.29 5.55 -17.10
C GLY A 16 -11.62 4.33 -17.67
N ALA A 17 -12.37 3.23 -17.73
CA ALA A 17 -11.89 1.97 -18.27
C ALA A 17 -13.07 1.15 -18.75
N GLU A 18 -12.77 0.05 -19.45
CA GLU A 18 -13.83 -0.82 -19.97
C GLU A 18 -13.77 -2.24 -19.41
N LEU A 19 -14.95 -2.79 -19.11
CA LEU A 19 -15.06 -4.15 -18.62
C LEU A 19 -15.25 -4.99 -19.88
N VAL A 20 -14.24 -5.78 -20.23
CA VAL A 20 -14.31 -6.59 -21.45
C VAL A 20 -14.06 -8.08 -21.25
N GLU A 21 -14.14 -8.82 -22.35
CA GLU A 21 -13.88 -10.26 -22.33
C GLU A 21 -12.79 -10.56 -23.36
N VAL A 22 -11.67 -11.09 -22.90
CA VAL A 22 -10.55 -11.42 -23.77
C VAL A 22 -10.08 -12.85 -23.53
N ASP A 23 -9.16 -13.32 -24.36
CA ASP A 23 -8.65 -14.68 -24.23
C ASP A 23 -7.88 -14.84 -22.94
N VAL A 24 -7.98 -16.02 -22.35
CA VAL A 24 -7.25 -16.32 -21.13
C VAL A 24 -5.80 -16.43 -21.61
N PRO A 25 -4.91 -15.59 -21.08
CA PRO A 25 -3.50 -15.64 -21.49
C PRO A 25 -2.82 -16.98 -21.20
N LYS A 26 -1.78 -17.28 -21.98
CA LYS A 26 -1.03 -18.52 -21.82
C LYS A 26 0.37 -18.18 -21.32
N PRO A 27 0.84 -18.87 -20.26
CA PRO A 27 2.16 -18.63 -19.69
C PRO A 27 3.33 -19.09 -20.57
N GLY A 28 4.26 -18.18 -20.84
CA GLY A 28 5.40 -18.51 -21.66
C GLY A 28 6.58 -18.90 -20.78
N PRO A 29 7.81 -18.96 -21.33
CA PRO A 29 8.98 -19.33 -20.53
C PRO A 29 9.17 -18.43 -19.31
N GLY A 30 9.41 -19.05 -18.15
CA GLY A 30 9.60 -18.28 -16.93
C GLY A 30 8.35 -17.64 -16.37
N GLU A 31 7.18 -18.02 -16.89
CA GLU A 31 5.93 -17.46 -16.41
C GLU A 31 4.98 -18.52 -15.91
N VAL A 32 3.98 -18.10 -15.13
CA VAL A 32 2.97 -19.00 -14.61
C VAL A 32 1.62 -18.31 -14.77
N LEU A 33 0.55 -19.10 -14.75
CA LEU A 33 -0.79 -18.55 -14.89
C LEU A 33 -1.51 -18.72 -13.56
N ILE A 34 -2.10 -17.65 -13.05
CA ILE A 34 -2.81 -17.74 -11.80
C ILE A 34 -4.28 -17.39 -11.99
N LYS A 35 -5.13 -18.01 -11.19
CA LYS A 35 -6.55 -17.73 -11.19
C LYS A 35 -6.70 -16.74 -10.05
N VAL A 36 -7.29 -15.59 -10.33
CA VAL A 36 -7.46 -14.56 -9.31
C VAL A 36 -8.57 -14.91 -8.33
N LEU A 37 -8.25 -14.79 -7.04
CA LEU A 37 -9.21 -15.07 -5.98
C LEU A 37 -9.66 -13.74 -5.40
N ALA A 38 -8.72 -12.82 -5.25
CA ALA A 38 -9.01 -11.48 -4.74
C ALA A 38 -7.99 -10.51 -5.29
N THR A 39 -8.42 -9.29 -5.54
CA THR A 39 -7.52 -8.26 -6.06
C THR A 39 -8.00 -6.94 -5.49
N SER A 40 -7.06 -6.11 -5.04
CA SER A 40 -7.41 -4.83 -4.44
C SER A 40 -6.96 -3.63 -5.26
N ILE A 41 -7.62 -2.50 -5.04
CA ILE A 41 -7.31 -1.29 -5.79
C ILE A 41 -6.36 -0.38 -5.03
N CYS A 42 -5.43 0.21 -5.76
CA CYS A 42 -4.41 1.09 -5.18
C CYS A 42 -4.47 2.50 -5.79
N GLY A 43 -3.77 3.43 -5.16
CA GLY A 43 -3.74 4.79 -5.66
C GLY A 43 -3.25 4.86 -7.09
N THR A 44 -2.27 4.02 -7.42
CA THR A 44 -1.70 3.98 -8.76
C THR A 44 -2.80 3.63 -9.78
N ASP A 45 -3.65 2.66 -9.43
CA ASP A 45 -4.73 2.26 -10.31
C ASP A 45 -5.68 3.43 -10.56
N LEU A 46 -5.94 4.21 -9.52
CA LEU A 46 -6.83 5.36 -9.65
C LEU A 46 -6.26 6.41 -10.61
N HIS A 47 -4.94 6.57 -10.61
CA HIS A 47 -4.29 7.54 -11.49
C HIS A 47 -4.40 7.08 -12.94
N ILE A 48 -4.30 5.77 -13.14
CA ILE A 48 -4.40 5.22 -14.48
C ILE A 48 -5.85 5.38 -14.94
N TYR A 49 -6.77 5.20 -14.01
CA TYR A 49 -8.19 5.34 -14.30
C TYR A 49 -8.48 6.79 -14.70
N GLU A 50 -8.11 7.72 -13.84
CA GLU A 50 -8.31 9.15 -14.09
C GLU A 50 -7.45 9.62 -15.25
N TRP A 51 -6.41 8.84 -15.56
CA TRP A 51 -5.51 9.15 -16.65
C TRP A 51 -4.86 10.53 -16.50
N ASN A 52 -4.06 10.68 -15.45
CA ASN A 52 -3.38 11.96 -15.19
C ASN A 52 -2.05 12.06 -15.93
N GLU A 53 -1.34 13.15 -15.69
CA GLU A 53 -0.05 13.40 -16.32
C GLU A 53 0.88 12.19 -16.22
N TRP A 54 0.94 11.59 -15.04
CA TRP A 54 1.79 10.43 -14.82
C TRP A 54 1.41 9.25 -15.71
N ALA A 55 0.13 8.90 -15.71
CA ALA A 55 -0.35 7.78 -16.52
C ALA A 55 -0.22 8.10 -18.00
N GLN A 56 -0.52 9.34 -18.35
CA GLN A 56 -0.44 9.80 -19.73
C GLN A 56 0.95 9.64 -20.33
N SER A 57 1.94 9.38 -19.48
CA SER A 57 3.31 9.24 -19.95
C SER A 57 3.93 7.85 -19.81
N ARG A 58 3.25 6.96 -19.09
CA ARG A 58 3.81 5.63 -18.90
C ARG A 58 2.91 4.47 -19.32
N ILE A 59 1.60 4.66 -19.26
CA ILE A 59 0.66 3.61 -19.62
C ILE A 59 0.52 3.51 -21.14
N LYS A 60 0.61 2.27 -21.65
CA LYS A 60 0.48 2.02 -23.08
C LYS A 60 -0.70 1.09 -23.36
N PRO A 61 -1.91 1.67 -23.48
CA PRO A 61 -3.12 0.89 -23.75
C PRO A 61 -3.12 0.22 -25.12
N PRO A 62 -3.91 -0.86 -25.29
CA PRO A 62 -4.77 -1.47 -24.28
C PRO A 62 -3.96 -2.26 -23.25
N GLN A 63 -4.45 -2.29 -22.01
CA GLN A 63 -3.74 -3.00 -20.97
C GLN A 63 -4.62 -3.25 -19.76
N ILE A 64 -4.55 -4.48 -19.23
CA ILE A 64 -5.34 -4.87 -18.06
C ILE A 64 -4.78 -4.14 -16.84
N MSE A 65 -5.67 -3.57 -16.04
CA MSE A 65 -5.27 -2.83 -14.85
C MSE A 65 -5.06 -3.70 -13.60
O MSE A 65 -5.30 -4.89 -13.62
CB MSE A 65 -6.33 -1.77 -14.55
CG MSE A 65 -6.45 -0.68 -15.61
SE MSE A 65 -7.89 0.57 -15.26
CE MSE A 65 -7.15 1.45 -13.71
N GLY A 66 -4.59 -3.06 -12.53
CA GLY A 66 -4.38 -3.73 -11.26
C GLY A 66 -3.07 -4.49 -11.05
N HIS A 67 -2.62 -4.58 -9.80
CA HIS A 67 -1.39 -5.29 -9.49
C HIS A 67 -1.40 -6.04 -8.16
N GLU A 68 -2.28 -5.65 -7.24
CA GLU A 68 -2.35 -6.32 -5.93
C GLU A 68 -3.24 -7.55 -6.07
N VAL A 69 -2.74 -8.72 -5.70
CA VAL A 69 -3.54 -9.92 -5.86
C VAL A 69 -3.22 -11.09 -4.94
N ALA A 70 -4.19 -11.98 -4.85
CA ALA A 70 -4.09 -13.21 -4.10
C ALA A 70 -4.69 -14.19 -5.11
N GLY A 71 -3.91 -15.17 -5.53
CA GLY A 71 -4.44 -16.10 -6.51
C GLY A 71 -3.93 -17.52 -6.33
N GLU A 72 -4.34 -18.38 -7.24
CA GLU A 72 -3.94 -19.78 -7.24
C GLU A 72 -3.35 -20.13 -8.60
N VAL A 73 -2.16 -20.73 -8.59
CA VAL A 73 -1.50 -21.11 -9.83
C VAL A 73 -2.29 -22.22 -10.50
N VAL A 74 -2.62 -22.03 -11.78
CA VAL A 74 -3.37 -23.05 -12.51
C VAL A 74 -2.56 -23.66 -13.66
N GLU A 75 -1.47 -23.01 -14.02
CA GLU A 75 -0.62 -23.49 -15.10
C GLU A 75 0.77 -22.87 -15.03
N ILE A 76 1.80 -23.71 -15.20
CA ILE A 76 3.17 -23.20 -15.15
C ILE A 76 3.83 -23.28 -16.53
N GLY A 77 4.46 -22.18 -16.93
CA GLY A 77 5.13 -22.14 -18.22
C GLY A 77 6.42 -22.93 -18.24
N PRO A 78 7.10 -22.99 -19.40
CA PRO A 78 8.35 -23.72 -19.57
C PRO A 78 9.49 -23.15 -18.72
N GLY A 79 10.34 -24.04 -18.20
CA GLY A 79 11.47 -23.63 -17.40
C GLY A 79 11.19 -23.42 -15.92
N VAL A 80 9.97 -23.01 -15.60
CA VAL A 80 9.58 -22.75 -14.21
C VAL A 80 9.89 -23.90 -13.25
N GLU A 81 10.52 -23.56 -12.13
CA GLU A 81 10.86 -24.53 -11.10
C GLU A 81 10.46 -23.95 -9.74
N GLY A 82 10.14 -24.82 -8.79
CA GLY A 82 9.77 -24.37 -7.46
C GLY A 82 8.33 -23.93 -7.29
N ILE A 83 7.58 -23.86 -8.39
CA ILE A 83 6.18 -23.46 -8.33
C ILE A 83 5.32 -24.56 -8.96
N GLU A 84 4.30 -25.01 -8.23
CA GLU A 84 3.43 -26.05 -8.73
C GLU A 84 1.97 -25.60 -8.82
N VAL A 85 1.23 -26.22 -9.73
CA VAL A 85 -0.18 -25.92 -9.90
C VAL A 85 -0.87 -26.16 -8.57
N GLY A 86 -1.69 -25.21 -8.14
CA GLY A 86 -2.38 -25.36 -6.87
C GLY A 86 -1.81 -24.46 -5.79
N ASP A 87 -0.64 -23.87 -6.04
CA ASP A 87 -0.01 -23.00 -5.06
C ASP A 87 -0.82 -21.71 -4.86
N TYR A 88 -0.98 -21.32 -3.60
CA TYR A 88 -1.68 -20.09 -3.23
C TYR A 88 -0.59 -19.02 -3.24
N VAL A 89 -0.75 -18.00 -4.07
CA VAL A 89 0.27 -16.96 -4.20
C VAL A 89 -0.19 -15.50 -4.28
N SER A 90 0.78 -14.61 -4.12
CA SER A 90 0.58 -13.17 -4.25
C SER A 90 1.75 -12.71 -5.13
N VAL A 91 1.74 -11.45 -5.54
CA VAL A 91 2.78 -10.97 -6.44
C VAL A 91 3.55 -9.73 -6.03
N GLU A 92 4.87 -9.76 -6.22
CA GLU A 92 5.72 -8.62 -5.93
C GLU A 92 5.68 -7.82 -7.23
N THR A 93 5.32 -6.55 -7.17
CA THR A 93 5.20 -5.73 -8.37
C THR A 93 6.46 -5.25 -9.05
N HIS A 94 7.52 -4.99 -8.27
CA HIS A 94 8.76 -4.53 -8.88
C HIS A 94 9.58 -5.63 -9.51
N ILE A 95 9.76 -5.52 -10.82
CA ILE A 95 10.54 -6.49 -11.57
C ILE A 95 11.92 -5.87 -11.73
N VAL A 96 12.85 -6.31 -10.89
CA VAL A 96 14.22 -5.79 -10.91
C VAL A 96 15.10 -6.57 -11.89
N CYS A 97 16.24 -6.01 -12.24
CA CYS A 97 17.16 -6.66 -13.18
C CYS A 97 18.33 -7.35 -12.48
N GLY A 98 18.71 -6.85 -11.32
CA GLY A 98 19.81 -7.45 -10.58
C GLY A 98 21.19 -7.07 -11.11
N LYS A 99 21.22 -6.03 -11.95
CA LYS A 99 22.49 -5.56 -12.51
C LYS A 99 22.77 -4.15 -12.03
N CYS A 100 21.73 -3.47 -11.56
CA CYS A 100 21.85 -2.11 -11.05
C CYS A 100 22.92 -2.05 -9.95
N TYR A 101 23.39 -0.85 -9.64
CA TYR A 101 24.41 -0.70 -8.59
C TYR A 101 23.82 -1.18 -7.27
N THR A 114 13.25 -1.83 -12.53
CA THR A 114 12.98 -1.76 -13.96
C THR A 114 11.50 -1.49 -14.22
N LYS A 115 10.78 -2.49 -14.71
CA LYS A 115 9.35 -2.32 -15.00
C LYS A 115 8.47 -2.74 -13.83
N ILE A 116 7.25 -2.22 -13.81
CA ILE A 116 6.30 -2.51 -12.75
C ILE A 116 5.14 -3.36 -13.23
N PHE A 117 4.91 -4.47 -12.55
CA PHE A 117 3.82 -5.37 -12.88
C PHE A 117 2.50 -4.62 -12.72
N GLY A 118 1.67 -4.64 -13.76
CA GLY A 118 0.39 -3.94 -13.68
C GLY A 118 0.48 -2.49 -14.09
N VAL A 119 1.67 -2.05 -14.48
CA VAL A 119 1.88 -0.67 -14.91
C VAL A 119 2.51 -0.69 -16.30
N ASP A 120 3.47 -1.57 -16.48
CA ASP A 120 4.16 -1.71 -17.77
C ASP A 120 3.78 -3.05 -18.38
N THR A 121 2.82 -3.73 -17.77
CA THR A 121 2.34 -5.04 -18.24
C THR A 121 0.88 -5.22 -17.83
N ASP A 122 0.22 -6.25 -18.39
CA ASP A 122 -1.16 -6.52 -18.04
C ASP A 122 -1.23 -6.80 -16.55
N GLY A 123 -2.31 -6.33 -15.92
CA GLY A 123 -2.48 -6.52 -14.49
C GLY A 123 -3.29 -7.73 -14.04
N VAL A 124 -3.84 -7.63 -12.84
CA VAL A 124 -4.60 -8.72 -12.25
C VAL A 124 -6.11 -8.50 -12.12
N PHE A 125 -6.62 -7.39 -12.65
CA PHE A 125 -8.06 -7.14 -12.59
C PHE A 125 -8.70 -7.94 -13.71
N ALA A 126 -8.61 -9.27 -13.58
CA ALA A 126 -9.15 -10.20 -14.56
C ALA A 126 -9.30 -11.52 -13.82
N GLU A 127 -9.93 -12.50 -14.45
CA GLU A 127 -10.12 -13.80 -13.80
C GLU A 127 -8.84 -14.60 -13.74
N TYR A 128 -7.93 -14.33 -14.67
CA TYR A 128 -6.64 -15.03 -14.73
C TYR A 128 -5.59 -14.00 -15.10
N ALA A 129 -4.34 -14.28 -14.72
CA ALA A 129 -3.25 -13.36 -15.02
C ALA A 129 -1.94 -14.09 -15.17
N VAL A 130 -1.10 -13.61 -16.08
CA VAL A 130 0.22 -14.17 -16.31
C VAL A 130 1.16 -13.42 -15.38
N VAL A 131 2.04 -14.16 -14.71
CA VAL A 131 2.98 -13.56 -13.78
C VAL A 131 4.39 -14.14 -13.91
N PRO A 132 5.40 -13.26 -13.94
CA PRO A 132 6.79 -13.75 -14.06
C PRO A 132 7.02 -14.64 -12.82
N ALA A 133 7.56 -15.82 -13.02
CA ALA A 133 7.79 -16.73 -11.90
C ALA A 133 8.61 -16.11 -10.76
N GLN A 134 9.60 -15.30 -11.10
CA GLN A 134 10.46 -14.68 -10.09
C GLN A 134 9.75 -13.69 -9.17
N ASN A 135 8.56 -13.23 -9.54
CA ASN A 135 7.85 -12.28 -8.70
C ASN A 135 6.73 -12.93 -7.90
N ILE A 136 6.68 -14.25 -7.93
CA ILE A 136 5.68 -15.02 -7.20
C ILE A 136 6.09 -15.20 -5.74
N TRP A 137 5.13 -15.02 -4.85
CA TRP A 137 5.36 -15.21 -3.42
C TRP A 137 4.31 -16.21 -2.96
N LYS A 138 4.75 -17.32 -2.37
CA LYS A 138 3.80 -18.34 -1.91
C LYS A 138 3.21 -17.96 -0.56
N ASN A 139 1.88 -18.07 -0.46
CA ASN A 139 1.15 -17.74 0.76
C ASN A 139 0.73 -18.96 1.55
N PRO A 140 0.71 -18.84 2.88
CA PRO A 140 0.29 -19.95 3.73
C PRO A 140 -1.23 -20.01 3.50
N LYS A 141 -1.78 -21.21 3.36
CA LYS A 141 -3.21 -21.38 3.12
C LYS A 141 -4.13 -20.78 4.19
N SER A 142 -3.60 -20.48 5.36
CA SER A 142 -4.39 -19.92 6.44
C SER A 142 -4.76 -18.44 6.25
N ILE A 143 -4.05 -17.76 5.36
CA ILE A 143 -4.34 -16.34 5.15
C ILE A 143 -5.45 -16.14 4.13
N PRO A 144 -6.56 -15.53 4.55
CA PRO A 144 -7.71 -15.28 3.67
C PRO A 144 -7.29 -14.40 2.49
N PRO A 145 -7.87 -14.65 1.30
CA PRO A 145 -7.58 -13.91 0.07
C PRO A 145 -7.68 -12.39 0.20
N GLU A 146 -8.70 -11.90 0.90
CA GLU A 146 -8.89 -10.47 1.07
C GLU A 146 -7.76 -9.79 1.86
N TYR A 147 -7.01 -10.57 2.64
CA TYR A 147 -5.88 -10.01 3.39
C TYR A 147 -4.59 -10.22 2.61
N ALA A 148 -4.49 -11.38 1.96
CA ALA A 148 -3.30 -11.72 1.18
C ALA A 148 -3.05 -10.74 0.04
N THR A 149 -4.13 -10.22 -0.54
CA THR A 149 -4.02 -9.28 -1.65
C THR A 149 -3.48 -7.90 -1.21
N LEU A 150 -3.48 -7.65 0.09
CA LEU A 150 -2.99 -6.38 0.63
C LEU A 150 -1.50 -6.44 1.00
N GLN A 151 -0.83 -7.53 0.65
CA GLN A 151 0.59 -7.66 1.02
C GLN A 151 1.57 -6.69 0.39
N GLU A 152 1.35 -6.25 -0.85
CA GLU A 152 2.25 -5.28 -1.45
C GLU A 152 2.12 -3.98 -0.67
N PRO A 153 0.89 -3.47 -0.47
CA PRO A 153 0.72 -2.23 0.29
C PRO A 153 1.23 -2.40 1.72
N LEU A 154 0.98 -3.57 2.32
CA LEU A 154 1.46 -3.83 3.67
C LEU A 154 2.98 -3.76 3.72
N GLY A 155 3.62 -4.18 2.63
CA GLY A 155 5.07 -4.14 2.54
C GLY A 155 5.61 -2.73 2.64
N ASN A 156 4.93 -1.79 1.99
CA ASN A 156 5.32 -0.38 2.05
C ASN A 156 5.15 0.12 3.48
N ALA A 157 4.04 -0.28 4.11
CA ALA A 157 3.75 0.12 5.48
C ALA A 157 4.78 -0.47 6.43
N VAL A 158 5.13 -1.74 6.24
CA VAL A 158 6.13 -2.39 7.09
C VAL A 158 7.50 -1.72 6.95
N ASP A 159 7.90 -1.40 5.72
CA ASP A 159 9.19 -0.77 5.51
C ASP A 159 9.24 0.63 6.11
N THR A 160 8.09 1.28 6.19
CA THR A 160 8.02 2.62 6.77
C THR A 160 8.06 2.53 8.31
N VAL A 161 7.18 1.72 8.86
CA VAL A 161 7.09 1.55 10.31
C VAL A 161 8.33 0.92 10.92
N LEU A 162 8.79 -0.16 10.31
CA LEU A 162 9.95 -0.89 10.84
C LEU A 162 11.32 -0.50 10.32
N ALA A 163 11.45 0.72 9.81
CA ALA A 163 12.73 1.21 9.31
C ALA A 163 13.70 1.28 10.50
N GLY A 164 13.13 1.33 11.71
CA GLY A 164 13.94 1.36 12.91
C GLY A 164 13.14 0.73 14.05
N PRO A 165 13.64 0.77 15.29
CA PRO A 165 12.93 0.19 16.45
C PRO A 165 11.58 0.90 16.63
N ILE A 166 10.60 0.18 17.14
CA ILE A 166 9.27 0.77 17.33
C ILE A 166 8.52 0.25 18.57
N SER A 167 8.92 -0.91 19.09
CA SER A 167 8.24 -1.45 20.27
C SER A 167 8.44 -0.54 21.48
N GLY A 168 7.35 -0.19 22.14
CA GLY A 168 7.45 0.68 23.31
C GLY A 168 7.90 2.09 22.96
N LYS A 169 7.67 2.52 21.73
CA LYS A 169 8.03 3.87 21.28
C LYS A 169 6.75 4.65 20.99
N SER A 170 6.77 5.96 21.22
CA SER A 170 5.61 6.80 20.92
C SER A 170 5.70 7.11 19.42
N VAL A 171 4.56 7.23 18.76
CA VAL A 171 4.55 7.45 17.33
C VAL A 171 3.53 8.47 16.85
N LEU A 172 3.92 9.26 15.85
CA LEU A 172 2.99 10.21 15.24
C LEU A 172 2.90 9.78 13.78
N ILE A 173 1.70 9.50 13.33
CA ILE A 173 1.47 9.13 11.95
C ILE A 173 0.62 10.24 11.34
N THR A 174 1.11 10.82 10.24
CA THR A 174 0.33 11.86 9.57
C THR A 174 -0.22 11.23 8.30
N GLY A 175 -1.54 11.24 8.18
CA GLY A 175 -2.19 10.67 7.02
C GLY A 175 -2.79 9.31 7.32
N ALA A 176 -4.10 9.19 7.15
CA ALA A 176 -4.76 7.92 7.41
C ALA A 176 -5.46 7.39 6.18
N GLY A 177 -4.75 7.44 5.06
CA GLY A 177 -5.28 6.89 3.83
C GLY A 177 -5.02 5.40 3.96
N PRO A 178 -5.24 4.59 2.92
CA PRO A 178 -4.99 3.15 3.11
C PRO A 178 -3.59 2.83 3.64
N LEU A 179 -2.57 3.50 3.14
CA LEU A 179 -1.20 3.23 3.60
C LEU A 179 -1.01 3.61 5.06
N GLY A 180 -1.53 4.78 5.44
CA GLY A 180 -1.42 5.20 6.82
C GLY A 180 -2.19 4.26 7.74
N LEU A 181 -3.33 3.75 7.27
CA LEU A 181 -4.13 2.82 8.07
C LEU A 181 -3.37 1.52 8.28
N LEU A 182 -2.74 1.04 7.22
CA LEU A 182 -1.95 -0.19 7.30
C LEU A 182 -0.78 0.09 8.24
N GLY A 183 -0.25 1.31 8.18
CA GLY A 183 0.85 1.69 9.06
C GLY A 183 0.43 1.60 10.52
N ILE A 184 -0.77 2.08 10.82
CA ILE A 184 -1.29 2.03 12.18
C ILE A 184 -1.39 0.58 12.63
N ALA A 185 -1.93 -0.28 11.77
CA ALA A 185 -2.08 -1.70 12.10
C ALA A 185 -0.71 -2.34 12.38
N VAL A 186 0.29 -2.05 11.56
CA VAL A 186 1.63 -2.61 11.75
C VAL A 186 2.26 -2.07 13.03
N ALA A 187 2.16 -0.76 13.24
CA ALA A 187 2.73 -0.15 14.44
C ALA A 187 2.12 -0.75 15.72
N LYS A 188 0.80 -0.89 15.78
CA LYS A 188 0.18 -1.44 16.97
C LYS A 188 0.58 -2.90 17.20
N ALA A 189 0.62 -3.69 16.12
CA ALA A 189 1.01 -5.10 16.23
C ALA A 189 2.48 -5.20 16.65
N SER A 190 3.25 -4.13 16.40
CA SER A 190 4.66 -4.12 16.73
C SER A 190 4.98 -3.54 18.10
N GLY A 191 3.95 -3.27 18.89
CA GLY A 191 4.14 -2.76 20.24
C GLY A 191 4.29 -1.28 20.44
N ALA A 192 3.98 -0.49 19.41
CA ALA A 192 4.12 0.96 19.52
C ALA A 192 3.03 1.54 20.41
N TYR A 193 3.40 2.55 21.21
CA TYR A 193 2.44 3.21 22.09
C TYR A 193 3.03 4.44 22.76
N PRO A 194 2.32 5.57 22.70
CA PRO A 194 1.02 5.66 22.03
C PRO A 194 1.19 5.97 20.55
N VAL A 195 0.21 5.58 19.75
CA VAL A 195 0.25 5.86 18.32
C VAL A 195 -0.75 6.99 18.10
N ILE A 196 -0.22 8.13 17.67
CA ILE A 196 -1.02 9.33 17.44
C ILE A 196 -1.20 9.52 15.94
N VAL A 197 -2.45 9.67 15.50
CA VAL A 197 -2.74 9.84 14.09
C VAL A 197 -3.44 11.16 13.77
N SER A 198 -2.88 11.89 12.81
CA SER A 198 -3.43 13.15 12.36
C SER A 198 -4.03 12.93 10.97
N GLU A 199 -5.33 13.17 10.84
CA GLU A 199 -6.05 13.00 9.58
C GLU A 199 -7.27 13.93 9.57
N PRO A 200 -7.34 14.85 8.59
CA PRO A 200 -8.45 15.79 8.47
C PRO A 200 -9.79 15.16 8.08
N SER A 201 -9.74 14.08 7.31
CA SER A 201 -10.97 13.42 6.88
C SER A 201 -11.66 12.77 8.06
N ASP A 202 -12.92 13.11 8.29
CA ASP A 202 -13.67 12.55 9.41
C ASP A 202 -13.79 11.05 9.26
N PHE A 203 -14.15 10.62 8.05
CA PHE A 203 -14.31 9.20 7.76
C PHE A 203 -13.03 8.40 8.04
N ARG A 204 -11.92 8.85 7.46
CA ARG A 204 -10.65 8.15 7.66
C ARG A 204 -10.10 8.30 9.07
N ARG A 205 -10.35 9.44 9.70
CA ARG A 205 -9.87 9.63 11.05
C ARG A 205 -10.59 8.62 11.95
N GLU A 206 -11.85 8.32 11.64
CA GLU A 206 -12.59 7.36 12.44
C GLU A 206 -12.08 5.95 12.16
N LEU A 207 -11.69 5.68 10.91
CA LEU A 207 -11.15 4.36 10.56
C LEU A 207 -9.87 4.15 11.35
N ALA A 208 -9.07 5.21 11.47
CA ALA A 208 -7.80 5.14 12.20
C ALA A 208 -8.07 4.69 13.63
N LYS A 209 -9.09 5.26 14.23
CA LYS A 209 -9.45 4.93 15.60
C LYS A 209 -9.86 3.45 15.67
N LYS A 210 -10.64 2.99 14.70
CA LYS A 210 -11.07 1.60 14.68
C LYS A 210 -9.90 0.62 14.48
N VAL A 211 -8.93 0.99 13.66
CA VAL A 211 -7.79 0.12 13.44
C VAL A 211 -7.01 -0.02 14.74
N GLY A 212 -6.89 1.07 15.49
CA GLY A 212 -6.19 1.01 16.75
C GLY A 212 -5.42 2.22 17.21
N ALA A 213 -5.65 3.37 16.58
CA ALA A 213 -4.93 4.57 16.99
C ALA A 213 -5.29 4.86 18.45
N ASP A 214 -4.29 5.25 19.24
CA ASP A 214 -4.52 5.54 20.64
C ASP A 214 -5.08 6.96 20.81
N TYR A 215 -4.69 7.85 19.90
CA TYR A 215 -5.15 9.24 19.89
C TYR A 215 -5.29 9.67 18.44
N VAL A 216 -6.28 10.51 18.14
CA VAL A 216 -6.46 11.01 16.79
C VAL A 216 -6.51 12.53 16.87
N ILE A 217 -6.05 13.17 15.81
CA ILE A 217 -6.03 14.63 15.76
C ILE A 217 -6.60 15.09 14.43
N ASN A 218 -7.45 16.12 14.49
CA ASN A 218 -8.03 16.69 13.29
C ASN A 218 -7.20 17.96 13.09
N PRO A 219 -6.23 17.93 12.16
CA PRO A 219 -5.36 19.07 11.90
C PRO A 219 -6.04 20.37 11.44
N PHE A 220 -7.27 20.29 10.95
CA PHE A 220 -7.94 21.49 10.50
C PHE A 220 -8.73 22.16 11.62
N GLU A 221 -8.82 21.49 12.77
CA GLU A 221 -9.53 22.02 13.92
C GLU A 221 -8.64 22.11 15.15
N GLU A 222 -7.49 21.46 15.10
CA GLU A 222 -6.57 21.47 16.23
C GLU A 222 -5.13 21.73 15.83
N ASP A 223 -4.30 22.07 16.81
CA ASP A 223 -2.89 22.32 16.56
C ASP A 223 -2.16 21.00 16.81
N VAL A 224 -1.75 20.35 15.72
CA VAL A 224 -1.05 19.06 15.81
C VAL A 224 0.10 19.02 16.81
N VAL A 225 1.06 19.93 16.68
CA VAL A 225 2.21 19.94 17.57
C VAL A 225 1.81 20.11 19.03
N LYS A 226 0.88 21.02 19.31
CA LYS A 226 0.42 21.23 20.67
C LYS A 226 -0.14 19.95 21.25
N GLU A 227 -1.01 19.30 20.48
CA GLU A 227 -1.63 18.06 20.92
C GLU A 227 -0.57 16.98 21.17
N VAL A 228 0.41 16.85 20.27
CA VAL A 228 1.46 15.87 20.47
C VAL A 228 2.21 16.17 21.75
N MSE A 229 2.57 17.43 21.95
CA MSE A 229 3.28 17.83 23.16
C MSE A 229 2.47 17.49 24.41
O MSE A 229 3.04 17.06 25.42
CB MSE A 229 3.58 19.33 23.13
CG MSE A 229 4.57 19.77 22.06
SE MSE A 229 6.26 18.87 22.19
CE MSE A 229 6.01 17.61 20.75
N ASP A 230 1.16 17.67 24.35
CA ASP A 230 0.30 17.36 25.49
C ASP A 230 0.33 15.87 25.78
N ILE A 231 0.19 15.07 24.72
CA ILE A 231 0.19 13.63 24.86
C ILE A 231 1.53 13.09 25.33
N THR A 232 2.62 13.68 24.86
CA THR A 232 3.96 13.22 25.24
C THR A 232 4.62 14.04 26.35
N ASP A 233 3.82 14.83 27.07
CA ASP A 233 4.32 15.66 28.15
C ASP A 233 5.50 16.54 27.76
N GLY A 234 5.42 17.13 26.57
CA GLY A 234 6.47 18.01 26.09
C GLY A 234 7.72 17.37 25.55
N ASN A 235 7.78 16.04 25.53
CA ASN A 235 8.97 15.35 25.02
C ASN A 235 8.98 15.14 23.50
N GLY A 236 7.80 15.06 22.91
CA GLY A 236 7.69 14.82 21.49
C GLY A 236 7.62 13.32 21.26
N VAL A 237 7.36 12.87 20.04
CA VAL A 237 7.28 11.44 19.77
C VAL A 237 8.65 10.86 19.40
N ASP A 238 8.84 9.58 19.72
CA ASP A 238 10.10 8.93 19.38
C ASP A 238 10.18 8.68 17.88
N VAL A 239 9.03 8.49 17.26
CA VAL A 239 8.98 8.16 15.84
C VAL A 239 7.89 8.91 15.10
N PHE A 240 8.26 9.48 13.95
CA PHE A 240 7.32 10.21 13.09
C PHE A 240 7.29 9.51 11.74
N LEU A 241 6.11 9.08 11.32
CA LEU A 241 5.93 8.37 10.05
C LEU A 241 5.02 9.22 9.16
N GLU A 242 5.53 9.67 8.02
CA GLU A 242 4.77 10.52 7.11
C GLU A 242 4.08 9.71 6.03
N PHE A 243 2.76 9.59 6.16
CA PHE A 243 1.94 8.82 5.22
C PHE A 243 0.97 9.69 4.42
N SER A 244 1.04 11.01 4.52
CA SER A 244 0.09 11.87 3.82
C SER A 244 0.57 12.54 2.53
N GLY A 245 1.82 12.96 2.49
CA GLY A 245 2.31 13.64 1.30
C GLY A 245 1.96 15.12 1.34
N ALA A 246 1.50 15.59 2.50
CA ALA A 246 1.14 17.00 2.68
C ALA A 246 2.28 17.79 3.29
N PRO A 247 2.77 18.83 2.60
CA PRO A 247 3.88 19.66 3.10
C PRO A 247 3.73 20.10 4.55
N LYS A 248 2.52 20.51 4.92
CA LYS A 248 2.26 20.97 6.28
C LYS A 248 2.48 19.85 7.29
N ALA A 249 2.04 18.65 6.95
CA ALA A 249 2.21 17.50 7.85
C ALA A 249 3.70 17.20 8.07
N LEU A 250 4.51 17.32 7.03
CA LEU A 250 5.94 17.08 7.15
C LEU A 250 6.54 18.07 8.15
N GLU A 251 6.14 19.33 8.03
CA GLU A 251 6.61 20.38 8.90
C GLU A 251 6.21 20.09 10.36
N GLN A 252 4.96 19.70 10.55
CA GLN A 252 4.45 19.41 11.89
C GLN A 252 5.14 18.23 12.55
N GLY A 253 5.36 17.16 11.79
CA GLY A 253 6.03 15.98 12.34
C GLY A 253 7.46 16.27 12.75
N LEU A 254 8.17 17.05 11.93
CA LEU A 254 9.55 17.39 12.22
C LEU A 254 9.61 18.24 13.49
N GLN A 255 8.55 19.00 13.75
CA GLN A 255 8.48 19.83 14.94
C GLN A 255 8.09 18.97 16.15
N ALA A 256 7.25 17.97 15.91
CA ALA A 256 6.75 17.12 16.98
C ALA A 256 7.65 15.96 17.42
N VAL A 257 8.61 15.57 16.58
CA VAL A 257 9.50 14.46 16.91
C VAL A 257 10.53 14.87 17.96
N THR A 258 10.77 13.97 18.91
CA THR A 258 11.73 14.24 19.98
C THR A 258 13.14 14.35 19.40
N PRO A 259 14.03 15.09 20.07
CA PRO A 259 15.40 15.23 19.56
C PRO A 259 16.04 13.84 19.50
N ALA A 260 16.82 13.61 18.44
CA ALA A 260 17.48 12.32 18.22
C ALA A 260 16.46 11.24 17.88
N GLY A 261 15.26 11.66 17.49
CA GLY A 261 14.23 10.70 17.12
C GLY A 261 14.40 10.17 15.71
N ARG A 262 13.46 9.33 15.26
CA ARG A 262 13.52 8.77 13.91
C ARG A 262 12.31 9.15 13.09
N VAL A 263 12.56 9.40 11.81
CA VAL A 263 11.51 9.78 10.89
C VAL A 263 11.54 8.86 9.67
N SER A 264 10.36 8.45 9.19
CA SER A 264 10.26 7.62 7.99
C SER A 264 9.32 8.38 7.04
N LEU A 265 9.82 8.69 5.84
CA LEU A 265 9.02 9.43 4.85
C LEU A 265 8.58 8.55 3.68
N LEU A 266 7.27 8.29 3.60
CA LEU A 266 6.69 7.49 2.53
C LEU A 266 5.86 8.39 1.61
N GLY A 267 5.05 9.26 2.20
CA GLY A 267 4.20 10.16 1.43
C GLY A 267 4.95 11.00 0.40
N LEU A 268 4.33 11.21 -0.75
CA LEU A 268 4.93 12.00 -1.83
C LEU A 268 4.23 13.35 -1.93
N TYR A 269 5.03 14.42 -1.97
CA TYR A 269 4.51 15.78 -2.01
C TYR A 269 4.16 16.31 -3.40
N PRO A 270 3.34 17.38 -3.47
CA PRO A 270 2.92 17.99 -4.73
C PRO A 270 4.13 18.48 -5.52
N GLY A 271 5.11 19.01 -4.79
CA GLY A 271 6.32 19.51 -5.41
C GLY A 271 7.41 19.60 -4.33
N LYS A 272 8.35 20.52 -4.49
CA LYS A 272 9.41 20.67 -3.51
C LYS A 272 8.80 21.20 -2.23
N VAL A 273 9.52 21.05 -1.12
CA VAL A 273 9.03 21.56 0.15
C VAL A 273 10.10 22.44 0.75
N THR A 274 9.67 23.44 1.50
CA THR A 274 10.58 24.38 2.15
C THR A 274 10.59 24.01 3.61
N ILE A 275 11.75 23.61 4.10
CA ILE A 275 11.87 23.16 5.47
C ILE A 275 13.03 23.79 6.23
N ASP A 276 12.81 23.99 7.53
CA ASP A 276 13.83 24.55 8.41
C ASP A 276 14.77 23.43 8.85
N PHE A 277 15.75 23.11 7.99
CA PHE A 277 16.73 22.07 8.29
C PHE A 277 17.54 22.33 9.56
N ASN A 278 17.99 23.58 9.72
CA ASN A 278 18.81 23.94 10.88
C ASN A 278 18.25 23.55 12.24
N ASN A 279 17.02 23.99 12.52
CA ASN A 279 16.41 23.72 13.81
C ASN A 279 15.67 22.40 13.95
N LEU A 280 15.03 21.93 12.88
CA LEU A 280 14.25 20.70 12.96
C LEU A 280 14.97 19.39 12.68
N ILE A 281 16.01 19.43 11.86
CA ILE A 281 16.74 18.22 11.51
C ILE A 281 18.16 18.19 12.06
N ILE A 282 18.92 19.24 11.80
CA ILE A 282 20.30 19.31 12.26
C ILE A 282 20.44 19.47 13.77
N PHE A 283 19.87 20.54 14.33
CA PHE A 283 19.98 20.75 15.76
C PHE A 283 19.25 19.68 16.58
N LYS A 284 18.28 19.00 15.97
CA LYS A 284 17.56 17.95 16.68
C LYS A 284 18.21 16.58 16.42
N ALA A 285 19.32 16.58 15.68
CA ALA A 285 20.06 15.36 15.37
C ALA A 285 19.17 14.19 14.98
N LEU A 286 18.23 14.44 14.07
CA LEU A 286 17.31 13.39 13.67
C LEU A 286 17.93 12.39 12.71
N THR A 287 17.28 11.23 12.63
CA THR A 287 17.63 10.18 11.70
C THR A 287 16.41 10.14 10.77
N ILE A 288 16.63 10.44 9.49
CA ILE A 288 15.54 10.44 8.52
C ILE A 288 15.73 9.39 7.45
N TYR A 289 14.72 8.55 7.27
CA TYR A 289 14.74 7.50 6.25
C TYR A 289 13.74 7.79 5.15
N GLY A 290 14.20 7.85 3.91
CA GLY A 290 13.31 8.05 2.79
C GLY A 290 12.83 6.64 2.50
N ILE A 291 11.52 6.44 2.37
CA ILE A 291 11.00 5.10 2.15
C ILE A 291 10.38 4.94 0.76
N THR A 292 10.78 3.82 0.13
CA THR A 292 10.06 3.34 -1.03
C THR A 292 10.12 1.80 -1.02
N GLY A 293 9.20 1.16 -1.73
CA GLY A 293 9.00 -0.27 -1.52
C GLY A 293 10.31 -1.08 -1.60
N ARG A 294 10.48 -1.98 -0.59
CA ARG A 294 11.64 -2.87 -0.66
C ARG A 294 11.54 -3.80 -1.86
N HIS A 295 10.37 -4.43 -1.88
CA HIS A 295 10.25 -5.42 -2.95
C HIS A 295 11.30 -6.54 -2.87
N LEU A 296 11.93 -6.69 -1.69
CA LEU A 296 12.65 -7.92 -1.54
C LEU A 296 12.01 -8.83 -0.50
N TRP A 297 12.33 -10.10 -0.68
CA TRP A 297 11.69 -11.14 0.09
C TRP A 297 11.65 -10.89 1.62
N GLU A 298 12.63 -10.11 2.13
CA GLU A 298 12.72 -9.96 3.59
C GLU A 298 11.48 -9.29 4.23
N THR A 299 11.07 -8.28 3.46
CA THR A 299 9.87 -7.52 3.77
C THR A 299 8.66 -8.45 3.63
N TRP A 300 8.66 -9.29 2.60
CA TRP A 300 7.54 -10.21 2.40
C TRP A 300 7.47 -11.24 3.53
N TYR A 301 8.62 -11.66 4.04
CA TYR A 301 8.63 -12.61 5.14
C TYR A 301 8.02 -11.97 6.38
N THR A 302 8.36 -10.71 6.63
CA THR A 302 7.84 -10.00 7.79
C THR A 302 6.32 -9.82 7.65
N VAL A 303 5.89 -9.39 6.47
CA VAL A 303 4.47 -9.20 6.21
C VAL A 303 3.68 -10.49 6.42
N SER A 304 4.18 -11.58 5.86
CA SER A 304 3.51 -12.87 5.97
C SER A 304 3.34 -13.31 7.44
N ARG A 305 4.41 -13.20 8.22
CA ARG A 305 4.34 -13.58 9.63
C ARG A 305 3.37 -12.71 10.41
N LEU A 306 3.37 -11.41 10.14
CA LEU A 306 2.45 -10.51 10.83
C LEU A 306 1.01 -10.88 10.47
N LEU A 307 0.79 -11.29 9.22
CA LEU A 307 -0.54 -11.69 8.80
C LEU A 307 -0.93 -12.98 9.51
N GLN A 308 -0.02 -13.94 9.58
CA GLN A 308 -0.27 -15.21 10.24
C GLN A 308 -0.48 -15.04 11.75
N SER A 309 0.08 -13.98 12.32
CA SER A 309 -0.03 -13.75 13.76
C SER A 309 -1.43 -13.33 14.21
N GLY A 310 -2.22 -12.80 13.29
CA GLY A 310 -3.56 -12.37 13.63
C GLY A 310 -3.56 -11.05 14.40
N LYS A 311 -2.39 -10.43 14.52
CA LYS A 311 -2.27 -9.17 15.26
C LYS A 311 -2.58 -7.92 14.43
N LEU A 312 -2.67 -8.06 13.11
CA LEU A 312 -2.97 -6.90 12.26
C LEU A 312 -4.48 -6.72 12.18
N ASN A 313 -4.97 -5.59 12.68
CA ASN A 313 -6.40 -5.32 12.66
C ASN A 313 -6.79 -4.73 11.30
N LEU A 314 -6.90 -5.61 10.30
CA LEU A 314 -7.20 -5.19 8.95
C LEU A 314 -8.68 -5.07 8.55
N ASP A 315 -9.58 -5.72 9.29
CA ASP A 315 -11.00 -5.65 8.95
C ASP A 315 -11.56 -4.23 8.74
N PRO A 316 -11.24 -3.28 9.63
CA PRO A 316 -11.76 -1.93 9.44
C PRO A 316 -11.22 -1.22 8.19
N ILE A 317 -10.05 -1.66 7.72
CA ILE A 317 -9.44 -1.05 6.54
C ILE A 317 -10.15 -1.45 5.25
N ILE A 318 -10.65 -2.67 5.19
CA ILE A 318 -11.36 -3.13 4.00
C ILE A 318 -12.82 -2.65 4.13
N THR A 319 -13.08 -1.48 3.57
CA THR A 319 -14.40 -0.86 3.63
C THR A 319 -15.34 -1.35 2.56
N HIS A 320 -14.79 -1.85 1.46
CA HIS A 320 -15.61 -2.33 0.35
C HIS A 320 -15.13 -3.64 -0.24
N LYS A 321 -16.05 -4.59 -0.37
CA LYS A 321 -15.76 -5.88 -0.96
C LYS A 321 -16.78 -6.15 -2.05
N TYR A 322 -16.31 -6.17 -3.29
CA TYR A 322 -17.20 -6.40 -4.43
C TYR A 322 -17.07 -7.84 -4.94
N LYS A 323 -18.21 -8.41 -5.35
CA LYS A 323 -18.21 -9.74 -5.89
C LYS A 323 -18.13 -9.56 -7.40
N GLY A 324 -17.00 -9.89 -7.98
CA GLY A 324 -16.83 -9.71 -9.41
C GLY A 324 -16.37 -8.30 -9.73
N PHE A 325 -16.14 -8.02 -11.01
CA PHE A 325 -15.66 -6.72 -11.46
C PHE A 325 -16.74 -5.79 -12.01
N ASP A 326 -17.96 -6.30 -12.14
CA ASP A 326 -19.07 -5.52 -12.69
C ASP A 326 -19.26 -4.09 -12.17
N LYS A 327 -19.13 -3.91 -10.86
CA LYS A 327 -19.30 -2.57 -10.27
C LYS A 327 -18.01 -1.78 -10.16
N TYR A 328 -17.09 -2.01 -11.08
CA TYR A 328 -15.81 -1.31 -11.03
C TYR A 328 -15.92 0.22 -11.06
N GLU A 329 -16.80 0.75 -11.90
CA GLU A 329 -16.97 2.20 -12.01
C GLU A 329 -17.36 2.83 -10.68
N GLU A 330 -18.28 2.17 -9.98
CA GLU A 330 -18.72 2.66 -8.68
C GLU A 330 -17.56 2.66 -7.69
N ALA A 331 -16.74 1.61 -7.75
CA ALA A 331 -15.60 1.47 -6.87
C ALA A 331 -14.61 2.63 -7.02
N PHE A 332 -14.19 2.88 -8.26
CA PHE A 332 -13.25 3.96 -8.53
C PHE A 332 -13.80 5.32 -8.11
N GLU A 333 -15.10 5.52 -8.31
CA GLU A 333 -15.73 6.79 -7.93
C GLU A 333 -15.70 7.00 -6.42
N LEU A 334 -16.02 5.95 -5.66
CA LEU A 334 -16.01 6.04 -4.20
C LEU A 334 -14.61 6.40 -3.72
N MSE A 335 -13.60 5.92 -4.43
CA MSE A 335 -12.21 6.21 -4.07
C MSE A 335 -11.89 7.68 -4.26
O MSE A 335 -11.28 8.31 -3.39
CB MSE A 335 -11.25 5.38 -4.91
CG MSE A 335 -11.16 3.92 -4.52
SE MSE A 335 -9.82 3.02 -5.59
CE MSE A 335 -8.24 3.66 -4.69
N ARG A 336 -12.28 8.23 -5.41
CA ARG A 336 -12.03 9.64 -5.70
C ARG A 336 -12.74 10.52 -4.69
N ALA A 337 -13.89 10.07 -4.22
CA ALA A 337 -14.67 10.82 -3.24
C ALA A 337 -14.08 10.65 -1.84
N GLY A 338 -12.97 9.91 -1.77
CA GLY A 338 -12.32 9.68 -0.49
C GLY A 338 -13.17 8.96 0.54
N LYS A 339 -14.10 8.13 0.08
CA LYS A 339 -14.98 7.40 0.98
C LYS A 339 -14.59 5.94 1.16
N THR A 340 -13.32 5.62 0.93
CA THR A 340 -12.87 4.23 1.06
C THR A 340 -11.58 4.09 1.86
N GLY A 341 -11.32 2.87 2.31
CA GLY A 341 -10.10 2.56 3.02
C GLY A 341 -9.36 1.78 1.94
N LYS A 342 -9.73 0.52 1.80
CA LYS A 342 -9.18 -0.36 0.79
C LYS A 342 -10.38 -1.04 0.12
N VAL A 343 -10.39 -1.09 -1.20
CA VAL A 343 -11.46 -1.75 -1.95
C VAL A 343 -10.92 -3.06 -2.50
N VAL A 344 -11.67 -4.13 -2.31
CA VAL A 344 -11.25 -5.44 -2.78
C VAL A 344 -12.29 -6.11 -3.68
N PHE A 345 -11.81 -6.73 -4.76
CA PHE A 345 -12.69 -7.46 -5.69
C PHE A 345 -12.51 -8.94 -5.34
N MSE A 346 -13.63 -9.61 -5.03
CA MSE A 346 -13.61 -11.03 -4.68
C MSE A 346 -14.12 -11.86 -5.85
O MSE A 346 -15.18 -11.57 -6.40
CB MSE A 346 -14.50 -11.28 -3.46
CG MSE A 346 -14.13 -10.48 -2.22
SE MSE A 346 -12.45 -11.06 -1.46
CE MSE A 346 -13.09 -12.53 -0.38
N LEU A 347 -13.37 -12.90 -6.21
CA LEU A 347 -13.79 -13.76 -7.31
C LEU A 347 -14.02 -15.20 -6.84
ZN ZN B . -0.48 -1.23 -4.76
ZN ZN C . 6.95 -5.02 -3.21
ZN ZN D . 6.39 0.50 -6.46
ZN ZN E . -15.24 19.42 14.67
ZN ZN F . -8.18 16.36 19.94
PA NAD G . -4.25 8.93 0.14
O1A NAD G . -5.28 8.09 0.75
O2A NAD G . -4.78 9.73 -0.96
O5B NAD G . -3.59 10.08 1.08
C5B NAD G . -3.25 9.91 2.48
C4B NAD G . -4.12 10.75 3.42
O4B NAD G . -3.49 12.02 3.75
C3B NAD G . -5.56 11.16 2.98
O3B NAD G . -6.56 10.41 3.69
C2B NAD G . -5.56 12.69 3.23
O2B NAD G . -6.84 13.18 3.70
C1B NAD G . -4.49 12.82 4.28
N9A NAD G . -4.03 14.21 4.47
C8A NAD G . -4.04 15.29 3.59
N7A NAD G . -3.53 16.44 4.11
C5A NAD G . -3.16 16.06 5.41
C6A NAD G . -2.56 16.79 6.50
N6A NAD G . -2.23 18.08 6.42
N1A NAD G . -2.32 16.09 7.68
C2A NAD G . -2.67 14.75 7.76
N3A NAD G . -3.22 13.98 6.82
C4A NAD G . -3.45 14.69 5.65
O3 NAD G . -3.10 7.99 -0.38
PN NAD G . -2.25 6.69 0.11
O1N NAD G . -2.53 5.64 -0.91
O2N NAD G . -2.68 6.30 1.46
O5D NAD G . -0.80 7.26 -0.09
C5D NAD G . -0.17 8.00 0.96
C4D NAD G . 1.14 8.53 0.43
O4D NAD G . 2.14 7.48 0.18
C3D NAD G . 0.98 9.33 -0.88
O3D NAD G . 1.71 10.56 -0.95
C2D NAD G . 1.41 8.26 -1.90
O2D NAD G . 1.72 8.88 -3.18
C1D NAD G . 2.58 7.68 -1.14
N1N NAD G . 3.17 6.42 -1.67
C2N NAD G . 4.55 6.45 -1.62
C3N NAD G . 5.23 5.33 -2.09
C7N NAD G . 6.76 5.28 -2.06
O7N NAD G . 7.34 4.29 -2.50
N7N NAD G . 7.44 6.34 -1.57
C4N NAD G . 4.52 4.16 -2.60
C5N NAD G . 3.08 4.27 -2.59
C6N NAD G . 2.35 5.35 -2.15
#